data_2HYV
#
_entry.id   2HYV
#
_cell.length_a   107.709
_cell.length_b   54.292
_cell.length_c   68.571
_cell.angle_alpha   90.00
_cell.angle_beta   90.00
_cell.angle_gamma   90.00
#
_symmetry.space_group_name_H-M   'P 21 21 2'
#
loop_
_entity.id
_entity.type
_entity.pdbx_description
1 polymer 'Annexin A2'
2 branched '4-deoxy-2-O-sulfo-alpha-L-threo-hex-4-enopyranuronic acid-(1-4)-2-deoxy-6-O-sulfo-2-(sulfoamino)-alpha-D-glucopyranose-(1-4)-2-O-sulfo-alpha-L-idopyranuronic acid-(1-4)-2-deoxy-6-O-sulfo-2-(sulfoamino)-alpha-D-glucopyranose-(1-4)-2-O-sulfo-alpha-L-idopyranuronic acid'
3 non-polymer 'CALCIUM ION'
4 water water
#
_entity_poly.entity_id   1
_entity_poly.type   'polypeptide(L)'
_entity_poly.pdbx_seq_one_letter_code
;NFDAERDALNIETAIKTKGVDEVTIVNILTNRSNAQRQDIAFAYQRRTKKELASALKSALSGHLETVILGLLKTPAQYDA
SELKASMKGLGTDEDSLIEIICSRTNQELQEINRVYKEMYKTDLEKDIISDTSGDFRKLMVALAKGRRAEDGSVIDYELI
DQDARDLYDAGVKRKGTDVPKWISIMTERSVPHLQKVFDRYKSYSPYDMLESIRKEVKGDLENAFLNLVQCIQNKPLYFA
DRLYDSMKGKGTRDKVLIRIMVSRSEVDMLKIRSEFKRKYGKSLYYYIQQDTKGDYQKALLYLCGGDD
;
_entity_poly.pdbx_strand_id   A
#
# COMPACT_ATOMS: atom_id res chain seq x y z
N ASN A 1 -7.02 14.67 25.76
CA ASN A 1 -5.68 15.34 25.70
C ASN A 1 -5.50 16.05 24.36
N PHE A 2 -5.97 15.41 23.29
CA PHE A 2 -5.87 15.97 21.96
C PHE A 2 -6.68 17.26 21.82
N ASP A 3 -6.06 18.28 21.26
CA ASP A 3 -6.71 19.57 21.05
C ASP A 3 -6.25 20.10 19.69
N ALA A 4 -7.12 19.96 18.69
CA ALA A 4 -6.81 20.40 17.34
C ALA A 4 -6.48 21.89 17.26
N GLU A 5 -7.16 22.70 18.07
CA GLU A 5 -6.92 24.13 18.06
C GLU A 5 -5.51 24.46 18.53
N ARG A 6 -5.04 23.74 19.55
CA ARG A 6 -3.70 23.96 20.07
C ARG A 6 -2.65 23.52 19.04
N ASP A 7 -2.84 22.34 18.45
CA ASP A 7 -1.91 21.84 17.45
C ASP A 7 -1.84 22.77 16.24
N ALA A 8 -2.99 23.25 15.79
CA ALA A 8 -3.03 24.15 14.63
C ALA A 8 -2.28 25.44 14.90
N LEU A 9 -2.44 26.00 16.10
CA LEU A 9 -1.74 27.23 16.45
C LEU A 9 -0.23 26.99 16.45
N ASN A 10 0.20 25.90 17.08
CA ASN A 10 1.62 25.59 17.14
C ASN A 10 2.21 25.34 15.76
N ILE A 11 1.43 24.75 14.86
CA ILE A 11 1.92 24.51 13.51
C ILE A 11 2.04 25.85 12.77
N GLU A 12 1.06 26.73 12.97
CA GLU A 12 1.12 28.03 12.31
C GLU A 12 2.37 28.80 12.77
N THR A 13 2.65 28.74 14.07
CA THR A 13 3.80 29.42 14.62
C THR A 13 5.09 28.85 14.00
N ALA A 14 5.13 27.54 13.81
CA ALA A 14 6.30 26.88 13.23
C ALA A 14 6.47 27.27 11.76
N ILE A 15 5.36 27.35 11.03
CA ILE A 15 5.38 27.71 9.62
C ILE A 15 5.88 29.15 9.43
N LYS A 16 5.47 30.04 10.32
CA LYS A 16 5.84 31.45 10.23
C LYS A 16 7.16 31.82 10.89
N THR A 17 7.79 30.85 11.55
CA THR A 17 9.08 31.09 12.20
C THR A 17 10.11 31.32 11.10
N LYS A 18 11.03 32.26 11.32
CA LYS A 18 12.05 32.54 10.32
C LYS A 18 12.80 31.25 9.98
N GLY A 19 12.82 30.89 8.70
CA GLY A 19 13.51 29.69 8.27
C GLY A 19 12.64 28.44 8.36
N VAL A 20 11.47 28.57 8.96
CA VAL A 20 10.52 27.48 9.14
C VAL A 20 11.00 26.43 10.14
N ASP A 21 10.19 26.18 11.16
CA ASP A 21 10.53 25.21 12.19
C ASP A 21 9.96 23.84 11.78
N GLU A 22 10.68 23.15 10.91
CA GLU A 22 10.25 21.84 10.43
C GLU A 22 10.15 20.80 11.54
N VAL A 23 11.04 20.88 12.51
CA VAL A 23 11.06 19.93 13.62
C VAL A 23 9.73 19.86 14.36
N THR A 24 9.21 21.03 14.74
CA THR A 24 7.94 21.09 15.44
C THR A 24 6.81 20.52 14.59
N ILE A 25 6.82 20.85 13.30
CA ILE A 25 5.79 20.35 12.39
C ILE A 25 5.81 18.83 12.36
N VAL A 26 7.01 18.26 12.27
CA VAL A 26 7.16 16.81 12.24
C VAL A 26 6.77 16.19 13.59
N ASN A 27 7.27 16.75 14.68
CA ASN A 27 6.97 16.24 16.01
C ASN A 27 5.47 16.12 16.25
N ILE A 28 4.71 17.09 15.75
CA ILE A 28 3.28 17.06 15.92
C ILE A 28 2.56 16.12 14.95
N LEU A 29 2.65 16.40 13.67
CA LEU A 29 1.94 15.60 12.67
C LEU A 29 2.24 14.10 12.60
N THR A 30 3.47 13.70 12.83
CA THR A 30 3.78 12.28 12.77
C THR A 30 3.46 11.57 14.08
N ASN A 31 2.88 12.30 15.02
CA ASN A 31 2.48 11.75 16.31
C ASN A 31 1.00 12.00 16.59
N ARG A 32 0.22 12.07 15.50
CA ARG A 32 -1.22 12.24 15.55
C ARG A 32 -1.82 11.26 14.56
N SER A 33 -3.02 10.76 14.85
CA SER A 33 -3.66 9.81 13.95
C SER A 33 -4.15 10.54 12.71
N ASN A 34 -4.48 9.79 11.66
CA ASN A 34 -4.96 10.40 10.44
C ASN A 34 -6.20 11.25 10.74
N ALA A 35 -7.10 10.71 11.56
CA ALA A 35 -8.32 11.44 11.93
C ALA A 35 -7.98 12.75 12.64
N GLN A 36 -6.98 12.71 13.52
CA GLN A 36 -6.59 13.91 14.24
C GLN A 36 -5.95 14.93 13.30
N ARG A 37 -5.24 14.44 12.28
CA ARG A 37 -4.62 15.36 11.33
C ARG A 37 -5.71 16.07 10.54
N GLN A 38 -6.82 15.37 10.29
CA GLN A 38 -7.93 15.99 9.58
C GLN A 38 -8.51 17.08 10.48
N ASP A 39 -8.65 16.78 11.78
CA ASP A 39 -9.18 17.76 12.72
C ASP A 39 -8.25 18.97 12.76
N ILE A 40 -6.95 18.71 12.71
CA ILE A 40 -5.98 19.80 12.75
C ILE A 40 -6.10 20.67 11.50
N ALA A 41 -6.31 20.05 10.35
CA ALA A 41 -6.44 20.82 9.11
C ALA A 41 -7.65 21.73 9.16
N PHE A 42 -8.77 21.23 9.67
CA PHE A 42 -9.96 22.05 9.77
C PHE A 42 -9.73 23.19 10.75
N ALA A 43 -9.07 22.91 11.87
CA ALA A 43 -8.79 23.95 12.87
C ALA A 43 -7.86 25.00 12.29
N TYR A 44 -6.88 24.58 11.49
CA TYR A 44 -5.94 25.50 10.89
C TYR A 44 -6.64 26.51 9.99
N GLN A 45 -7.53 26.02 9.13
CA GLN A 45 -8.25 26.91 8.23
C GLN A 45 -9.24 27.78 9.00
N ARG A 46 -9.78 27.24 10.08
CA ARG A 46 -10.73 27.98 10.91
C ARG A 46 -10.04 29.18 11.56
N ARG A 47 -8.78 28.99 11.96
CA ARG A 47 -8.01 30.05 12.61
C ARG A 47 -7.35 31.04 11.65
N THR A 48 -6.79 30.54 10.55
CA THR A 48 -6.07 31.39 9.60
C THR A 48 -6.78 31.75 8.31
N LYS A 49 -7.83 31.00 7.96
CA LYS A 49 -8.57 31.19 6.73
C LYS A 49 -7.69 30.79 5.54
N LYS A 50 -6.67 29.98 5.83
CA LYS A 50 -5.74 29.48 4.83
C LYS A 50 -5.74 27.95 4.98
N GLU A 51 -5.54 27.24 3.87
CA GLU A 51 -5.52 25.78 3.91
C GLU A 51 -4.18 25.28 4.43
N LEU A 52 -4.21 24.32 5.34
CA LEU A 52 -2.99 23.78 5.91
C LEU A 52 -2.08 23.12 4.86
N ALA A 53 -2.65 22.28 4.01
CA ALA A 53 -1.86 21.60 2.99
C ALA A 53 -1.09 22.60 2.12
N SER A 54 -1.77 23.64 1.66
CA SER A 54 -1.14 24.66 0.83
C SER A 54 -0.03 25.38 1.61
N ALA A 55 -0.31 25.72 2.86
CA ALA A 55 0.68 26.40 3.69
C ALA A 55 1.94 25.56 3.86
N LEU A 56 1.77 24.28 4.12
CA LEU A 56 2.91 23.39 4.30
C LEU A 56 3.66 23.10 3.01
N LYS A 57 2.96 23.07 1.88
CA LYS A 57 3.61 22.82 0.61
C LYS A 57 4.59 23.96 0.35
N SER A 58 4.19 25.17 0.72
CA SER A 58 5.03 26.35 0.53
C SER A 58 6.17 26.41 1.53
N ALA A 59 5.92 25.97 2.77
CA ALA A 59 6.92 26.01 3.82
C ALA A 59 7.94 24.88 3.79
N LEU A 60 7.52 23.71 3.29
CA LEU A 60 8.41 22.56 3.25
C LEU A 60 8.97 22.28 1.85
N SER A 61 9.91 21.35 1.78
CA SER A 61 10.51 20.97 0.51
C SER A 61 11.11 19.57 0.63
N GLY A 62 11.64 19.08 -0.49
CA GLY A 62 12.26 17.76 -0.51
C GLY A 62 11.37 16.61 -0.11
N HIS A 63 12.00 15.53 0.34
CA HIS A 63 11.27 14.34 0.75
C HIS A 63 10.37 14.59 1.95
N LEU A 64 10.76 15.50 2.83
CA LEU A 64 9.93 15.79 3.99
C LEU A 64 8.57 16.31 3.53
N GLU A 65 8.56 17.19 2.55
CA GLU A 65 7.30 17.72 2.04
C GLU A 65 6.41 16.58 1.57
N THR A 66 6.98 15.63 0.84
CA THR A 66 6.21 14.49 0.33
C THR A 66 5.55 13.72 1.47
N VAL A 67 6.30 13.43 2.52
CA VAL A 67 5.77 12.68 3.66
C VAL A 67 4.64 13.44 4.35
N ILE A 68 4.89 14.69 4.68
CA ILE A 68 3.90 15.50 5.38
C ILE A 68 2.61 15.68 4.57
N LEU A 69 2.73 16.03 3.29
CA LEU A 69 1.53 16.21 2.48
C LEU A 69 0.77 14.89 2.35
N GLY A 70 1.51 13.79 2.29
CA GLY A 70 0.86 12.49 2.20
C GLY A 70 0.07 12.19 3.46
N LEU A 71 0.66 12.48 4.62
CA LEU A 71 0.00 12.24 5.90
C LEU A 71 -1.28 13.05 6.10
N LEU A 72 -1.37 14.21 5.46
CA LEU A 72 -2.54 15.06 5.62
C LEU A 72 -3.77 14.55 4.87
N LYS A 73 -3.59 13.64 3.92
CA LYS A 73 -4.72 13.10 3.17
C LYS A 73 -5.36 11.96 3.94
N THR A 74 -6.65 11.75 3.75
CA THR A 74 -7.33 10.63 4.40
C THR A 74 -6.77 9.39 3.71
N PRO A 75 -6.95 8.20 4.30
CA PRO A 75 -6.40 7.01 3.65
C PRO A 75 -6.86 6.82 2.20
N ALA A 76 -8.15 7.03 1.94
CA ALA A 76 -8.69 6.87 0.60
C ALA A 76 -8.15 7.92 -0.35
N GLN A 77 -8.05 9.16 0.13
CA GLN A 77 -7.53 10.25 -0.70
C GLN A 77 -6.07 9.99 -1.05
N TYR A 78 -5.31 9.51 -0.07
CA TYR A 78 -3.90 9.23 -0.32
C TYR A 78 -3.75 8.12 -1.36
N ASP A 79 -4.47 7.02 -1.17
CA ASP A 79 -4.39 5.91 -2.12
C ASP A 79 -4.86 6.34 -3.50
N ALA A 80 -5.93 7.13 -3.55
CA ALA A 80 -6.44 7.59 -4.84
C ALA A 80 -5.39 8.44 -5.57
N SER A 81 -4.76 9.35 -4.84
CA SER A 81 -3.74 10.21 -5.44
C SER A 81 -2.50 9.42 -5.83
N GLU A 82 -2.15 8.39 -5.05
CA GLU A 82 -0.99 7.57 -5.39
C GLU A 82 -1.30 6.74 -6.64
N LEU A 83 -2.55 6.29 -6.76
CA LEU A 83 -2.95 5.52 -7.94
C LEU A 83 -2.87 6.43 -9.16
N LYS A 84 -3.41 7.65 -9.04
CA LYS A 84 -3.38 8.61 -10.14
C LYS A 84 -1.94 8.86 -10.58
N ALA A 85 -1.04 9.02 -9.61
CA ALA A 85 0.36 9.26 -9.90
C ALA A 85 1.01 8.08 -10.62
N SER A 86 0.62 6.86 -10.24
CA SER A 86 1.21 5.67 -10.84
C SER A 86 0.79 5.49 -12.30
N MET A 87 -0.38 6.01 -12.66
CA MET A 87 -0.88 5.88 -14.03
C MET A 87 -0.64 7.12 -14.89
N LYS A 88 0.05 8.10 -14.33
CA LYS A 88 0.35 9.34 -15.05
C LYS A 88 1.18 9.06 -16.30
N GLY A 89 0.92 9.84 -17.35
CA GLY A 89 1.65 9.66 -18.60
C GLY A 89 1.44 8.29 -19.19
N LEU A 90 2.54 7.56 -19.39
CA LEU A 90 2.48 6.22 -19.95
C LEU A 90 2.31 5.18 -18.86
N GLY A 91 2.11 5.64 -17.63
CA GLY A 91 1.94 4.74 -16.50
C GLY A 91 3.01 3.67 -16.46
N THR A 92 4.27 4.09 -16.43
CA THR A 92 5.40 3.18 -16.40
C THR A 92 5.59 2.54 -15.03
N ASP A 93 5.09 3.21 -13.99
CA ASP A 93 5.22 2.70 -12.63
C ASP A 93 4.11 1.70 -12.29
N GLU A 94 4.14 0.56 -13.00
CA GLU A 94 3.15 -0.48 -12.79
C GLU A 94 3.32 -1.09 -11.40
N ASP A 95 4.55 -1.10 -10.89
CA ASP A 95 4.81 -1.67 -9.57
C ASP A 95 3.97 -1.02 -8.48
N SER A 96 3.81 0.30 -8.56
CA SER A 96 3.01 1.01 -7.57
C SER A 96 1.52 0.72 -7.70
N LEU A 97 1.04 0.65 -8.94
CA LEU A 97 -0.36 0.35 -9.19
C LEU A 97 -0.65 -1.04 -8.62
N ILE A 98 0.26 -1.97 -8.89
CA ILE A 98 0.14 -3.34 -8.41
C ILE A 98 0.14 -3.39 -6.89
N GLU A 99 1.07 -2.68 -6.25
CA GLU A 99 1.15 -2.68 -4.80
C GLU A 99 -0.17 -2.29 -4.16
N ILE A 100 -0.73 -1.17 -4.60
CA ILE A 100 -1.98 -0.69 -4.03
C ILE A 100 -3.18 -1.57 -4.31
N ILE A 101 -3.41 -1.91 -5.58
CA ILE A 101 -4.57 -2.73 -5.93
C ILE A 101 -4.53 -4.14 -5.34
N CYS A 102 -3.34 -4.73 -5.24
CA CYS A 102 -3.22 -6.08 -4.70
C CYS A 102 -3.32 -6.17 -3.18
N SER A 103 -2.98 -5.09 -2.49
CA SER A 103 -2.97 -5.10 -1.04
C SER A 103 -4.19 -4.54 -0.30
N ARG A 104 -4.99 -3.73 -0.97
CA ARG A 104 -6.15 -3.15 -0.32
C ARG A 104 -7.33 -4.12 -0.20
N THR A 105 -8.06 -3.99 0.89
CA THR A 105 -9.22 -4.85 1.17
C THR A 105 -10.47 -4.34 0.44
N ASN A 106 -11.54 -5.13 0.50
CA ASN A 106 -12.79 -4.74 -0.14
C ASN A 106 -13.23 -3.37 0.38
N GLN A 107 -13.23 -3.23 1.70
CA GLN A 107 -13.64 -1.98 2.34
C GLN A 107 -12.81 -0.79 1.89
N GLU A 108 -11.48 -0.97 1.87
CA GLU A 108 -10.60 0.10 1.45
C GLU A 108 -10.82 0.46 -0.02
N LEU A 109 -10.98 -0.56 -0.87
CA LEU A 109 -11.20 -0.32 -2.28
C LEU A 109 -12.53 0.36 -2.58
N GLN A 110 -13.54 0.07 -1.79
CA GLN A 110 -14.85 0.68 -1.99
C GLN A 110 -14.70 2.20 -1.82
N GLU A 111 -14.01 2.60 -0.76
CA GLU A 111 -13.80 4.02 -0.49
C GLU A 111 -12.86 4.64 -1.52
N ILE A 112 -11.84 3.89 -1.94
CA ILE A 112 -10.90 4.40 -2.94
C ILE A 112 -11.63 4.67 -4.26
N ASN A 113 -12.48 3.74 -4.69
CA ASN A 113 -13.23 3.93 -5.93
C ASN A 113 -14.11 5.18 -5.85
N ARG A 114 -14.77 5.36 -4.71
CA ARG A 114 -15.64 6.51 -4.50
C ARG A 114 -14.88 7.83 -4.54
N VAL A 115 -13.82 7.91 -3.74
CA VAL A 115 -13.00 9.10 -3.66
C VAL A 115 -12.27 9.41 -4.97
N TYR A 116 -11.79 8.38 -5.66
CA TYR A 116 -11.09 8.60 -6.92
C TYR A 116 -12.03 9.30 -7.91
N LYS A 117 -13.28 8.83 -7.94
CA LYS A 117 -14.28 9.40 -8.85
C LYS A 117 -14.59 10.86 -8.50
N GLU A 118 -14.65 11.15 -7.20
CA GLU A 118 -14.92 12.51 -6.75
C GLU A 118 -13.75 13.44 -7.04
N MET A 119 -12.54 12.97 -6.79
CA MET A 119 -11.33 13.76 -7.01
C MET A 119 -10.97 14.01 -8.47
N TYR A 120 -11.05 12.97 -9.29
CA TYR A 120 -10.66 13.09 -10.69
C TYR A 120 -11.79 13.05 -11.72
N LYS A 121 -13.02 13.02 -11.24
CA LYS A 121 -14.20 13.03 -12.11
C LYS A 121 -14.18 11.92 -13.17
N THR A 122 -13.62 10.77 -12.81
CA THR A 122 -13.57 9.64 -13.73
C THR A 122 -13.48 8.36 -12.92
N ASP A 123 -13.92 7.26 -13.52
CA ASP A 123 -13.89 5.96 -12.84
C ASP A 123 -12.48 5.40 -12.79
N LEU A 124 -12.09 4.93 -11.60
CA LEU A 124 -10.78 4.34 -11.42
C LEU A 124 -10.57 3.22 -12.43
N GLU A 125 -11.63 2.44 -12.67
CA GLU A 125 -11.56 1.33 -13.60
C GLU A 125 -11.13 1.78 -14.99
N LYS A 126 -11.62 2.93 -15.42
CA LYS A 126 -11.24 3.44 -16.74
C LYS A 126 -9.77 3.79 -16.85
N ASP A 127 -9.19 4.38 -15.82
CA ASP A 127 -7.78 4.72 -15.87
C ASP A 127 -6.94 3.46 -15.77
N ILE A 128 -7.40 2.47 -15.01
CA ILE A 128 -6.67 1.21 -14.89
C ILE A 128 -6.61 0.56 -16.26
N ILE A 129 -7.73 0.59 -16.97
CA ILE A 129 -7.79 0.00 -18.31
C ILE A 129 -6.78 0.67 -19.24
N SER A 130 -6.66 1.99 -19.14
CA SER A 130 -5.72 2.73 -19.98
C SER A 130 -4.27 2.41 -19.67
N ASP A 131 -3.99 2.00 -18.44
CA ASP A 131 -2.62 1.71 -18.02
C ASP A 131 -2.29 0.22 -17.93
N THR A 132 -3.16 -0.62 -18.48
CA THR A 132 -2.93 -2.06 -18.44
C THR A 132 -3.43 -2.70 -19.74
N SER A 133 -3.06 -3.94 -19.98
CA SER A 133 -3.51 -4.65 -21.17
C SER A 133 -3.50 -6.16 -20.94
N GLY A 134 -4.13 -6.89 -21.85
CA GLY A 134 -4.18 -8.34 -21.74
C GLY A 134 -4.80 -8.87 -20.45
N ASP A 135 -4.29 -10.00 -19.98
CA ASP A 135 -4.80 -10.60 -18.76
C ASP A 135 -4.39 -9.79 -17.53
N PHE A 136 -3.34 -8.99 -17.66
CA PHE A 136 -2.88 -8.14 -16.57
C PHE A 136 -4.03 -7.15 -16.30
N ARG A 137 -4.59 -6.60 -17.37
CA ARG A 137 -5.71 -5.67 -17.24
C ARG A 137 -6.89 -6.39 -16.57
N LYS A 138 -7.23 -7.58 -17.06
CA LYS A 138 -8.34 -8.33 -16.49
C LYS A 138 -8.16 -8.57 -15.00
N LEU A 139 -6.95 -8.94 -14.59
CA LEU A 139 -6.67 -9.20 -13.18
C LEU A 139 -6.79 -7.94 -12.34
N MET A 140 -6.21 -6.85 -12.81
CA MET A 140 -6.25 -5.60 -12.06
C MET A 140 -7.66 -5.02 -11.95
N VAL A 141 -8.42 -5.10 -13.04
CA VAL A 141 -9.79 -4.60 -13.03
C VAL A 141 -10.63 -5.41 -12.05
N ALA A 142 -10.45 -6.73 -12.07
CA ALA A 142 -11.20 -7.59 -11.16
C ALA A 142 -10.87 -7.24 -9.70
N LEU A 143 -9.59 -7.13 -9.40
CA LEU A 143 -9.17 -6.80 -8.03
C LEU A 143 -9.70 -5.47 -7.55
N ALA A 144 -9.63 -4.45 -8.41
CA ALA A 144 -10.08 -3.11 -8.07
C ALA A 144 -11.55 -2.98 -7.73
N LYS A 145 -12.36 -3.95 -8.15
CA LYS A 145 -13.79 -3.89 -7.84
C LYS A 145 -14.02 -4.06 -6.34
N GLY A 146 -13.08 -4.69 -5.66
CA GLY A 146 -13.20 -4.90 -4.23
C GLY A 146 -14.44 -5.71 -3.90
N ARG A 147 -14.65 -6.79 -4.64
CA ARG A 147 -15.81 -7.64 -4.43
C ARG A 147 -15.44 -9.09 -4.07
N ARG A 148 -14.30 -9.25 -3.41
CA ARG A 148 -13.86 -10.58 -3.00
C ARG A 148 -14.91 -11.17 -2.07
N ALA A 149 -15.10 -12.48 -2.13
CA ALA A 149 -16.09 -13.14 -1.28
C ALA A 149 -15.83 -12.91 0.22
N GLU A 150 -16.91 -12.87 0.98
CA GLU A 150 -16.84 -12.69 2.42
C GLU A 150 -16.34 -13.99 3.04
N ASP A 151 -15.80 -13.90 4.25
CA ASP A 151 -15.32 -15.10 4.94
C ASP A 151 -16.54 -15.95 5.26
N GLY A 152 -16.45 -17.25 4.98
CA GLY A 152 -17.57 -18.13 5.27
C GLY A 152 -17.66 -18.47 6.75
N SER A 153 -18.83 -18.91 7.19
CA SER A 153 -19.03 -19.27 8.59
C SER A 153 -18.42 -20.64 8.86
N VAL A 154 -18.33 -21.46 7.83
CA VAL A 154 -17.77 -22.80 7.94
C VAL A 154 -16.77 -23.05 6.81
N ILE A 155 -15.62 -23.62 7.16
CA ILE A 155 -14.59 -23.91 6.16
C ILE A 155 -15.07 -24.96 5.16
N ASP A 156 -14.90 -24.65 3.87
CA ASP A 156 -15.31 -25.57 2.82
C ASP A 156 -14.10 -26.33 2.31
N TYR A 157 -13.78 -27.43 2.96
CA TYR A 157 -12.62 -28.24 2.58
C TYR A 157 -12.70 -28.84 1.19
N GLU A 158 -13.91 -29.19 0.74
CA GLU A 158 -14.07 -29.74 -0.60
C GLU A 158 -13.78 -28.65 -1.63
N LEU A 159 -14.16 -27.42 -1.31
CA LEU A 159 -13.91 -26.30 -2.23
C LEU A 159 -12.43 -25.94 -2.21
N ILE A 160 -11.83 -26.01 -1.03
CA ILE A 160 -10.40 -25.71 -0.91
C ILE A 160 -9.62 -26.67 -1.77
N ASP A 161 -9.95 -27.95 -1.68
CA ASP A 161 -9.27 -28.98 -2.46
C ASP A 161 -9.57 -28.79 -3.94
N GLN A 162 -10.81 -28.42 -4.25
CA GLN A 162 -11.22 -28.20 -5.63
C GLN A 162 -10.46 -27.05 -6.26
N ASP A 163 -10.35 -25.93 -5.53
CA ASP A 163 -9.63 -24.77 -6.05
C ASP A 163 -8.16 -25.10 -6.25
N ALA A 164 -7.60 -25.87 -5.32
CA ALA A 164 -6.19 -26.24 -5.39
C ALA A 164 -5.91 -27.06 -6.65
N ARG A 165 -6.79 -28.01 -6.95
CA ARG A 165 -6.61 -28.84 -8.14
C ARG A 165 -6.80 -28.03 -9.41
N ASP A 166 -7.78 -27.13 -9.41
CA ASP A 166 -8.03 -26.30 -10.58
C ASP A 166 -6.84 -25.39 -10.88
N LEU A 167 -6.22 -24.85 -9.84
CA LEU A 167 -5.05 -23.99 -10.03
C LEU A 167 -3.91 -24.79 -10.65
N TYR A 168 -3.79 -26.05 -10.26
CA TYR A 168 -2.74 -26.92 -10.78
C TYR A 168 -3.02 -27.29 -12.23
N ASP A 169 -4.23 -27.79 -12.49
CA ASP A 169 -4.62 -28.19 -13.84
C ASP A 169 -4.61 -27.02 -14.82
N ALA A 170 -4.80 -25.81 -14.28
CA ALA A 170 -4.84 -24.62 -15.12
C ALA A 170 -3.46 -24.08 -15.45
N GLY A 171 -2.44 -24.56 -14.74
CA GLY A 171 -1.10 -24.07 -14.99
C GLY A 171 0.01 -25.09 -15.18
N VAL A 172 0.69 -25.43 -14.09
CA VAL A 172 1.80 -26.37 -14.11
C VAL A 172 1.55 -27.71 -14.80
N LYS A 173 0.33 -28.23 -14.67
CA LYS A 173 0.02 -29.53 -15.27
C LYS A 173 -0.10 -29.52 -16.79
N ARG A 174 -0.57 -28.41 -17.34
CA ARG A 174 -0.78 -28.28 -18.78
C ARG A 174 0.17 -27.35 -19.51
N LYS A 175 0.26 -27.52 -20.82
CA LYS A 175 1.10 -26.67 -21.65
C LYS A 175 0.35 -25.34 -21.68
N GLY A 176 1.07 -24.23 -21.53
CA GLY A 176 0.41 -22.94 -21.54
C GLY A 176 -0.28 -22.71 -20.20
N THR A 177 -1.20 -21.76 -20.14
CA THR A 177 -1.90 -21.46 -18.90
C THR A 177 -3.34 -20.99 -19.10
N ASP A 178 -4.24 -21.45 -18.25
CA ASP A 178 -5.63 -21.02 -18.31
C ASP A 178 -5.67 -19.87 -17.31
N VAL A 179 -5.17 -18.71 -17.74
CA VAL A 179 -5.11 -17.54 -16.88
C VAL A 179 -6.46 -17.12 -16.29
N PRO A 180 -7.54 -17.14 -17.09
CA PRO A 180 -8.84 -16.75 -16.51
C PRO A 180 -9.22 -17.56 -15.27
N LYS A 181 -8.86 -18.84 -15.25
CA LYS A 181 -9.16 -19.68 -14.10
C LYS A 181 -8.38 -19.16 -12.89
N TRP A 182 -7.11 -18.83 -13.10
CA TRP A 182 -6.26 -18.30 -12.04
C TRP A 182 -6.86 -17.00 -11.52
N ILE A 183 -7.25 -16.12 -12.44
CA ILE A 183 -7.83 -14.84 -12.05
C ILE A 183 -9.11 -15.01 -11.24
N SER A 184 -10.00 -15.88 -11.72
CA SER A 184 -11.26 -16.12 -11.03
C SER A 184 -11.07 -16.56 -9.58
N ILE A 185 -10.30 -17.63 -9.41
CA ILE A 185 -10.06 -18.17 -8.08
C ILE A 185 -9.33 -17.21 -7.14
N MET A 186 -8.27 -16.57 -7.63
CA MET A 186 -7.49 -15.66 -6.81
C MET A 186 -8.11 -14.31 -6.50
N THR A 187 -9.12 -13.90 -7.27
CA THR A 187 -9.78 -12.62 -7.01
C THR A 187 -11.12 -12.77 -6.29
N GLU A 188 -11.80 -13.90 -6.50
CA GLU A 188 -13.11 -14.11 -5.92
C GLU A 188 -13.21 -14.79 -4.56
N ARG A 189 -12.29 -15.70 -4.26
CA ARG A 189 -12.32 -16.41 -2.98
C ARG A 189 -11.81 -15.53 -1.85
N SER A 190 -12.26 -15.82 -0.63
CA SER A 190 -11.83 -15.04 0.53
C SER A 190 -10.35 -15.30 0.79
N VAL A 191 -9.71 -14.38 1.49
CA VAL A 191 -8.28 -14.54 1.79
C VAL A 191 -7.99 -15.77 2.65
N PRO A 192 -8.77 -16.00 3.71
CA PRO A 192 -8.50 -17.17 4.55
C PRO A 192 -8.63 -18.47 3.75
N HIS A 193 -9.60 -18.49 2.84
CA HIS A 193 -9.84 -19.66 2.00
C HIS A 193 -8.63 -19.88 1.09
N LEU A 194 -8.16 -18.81 0.45
CA LEU A 194 -7.02 -18.90 -0.43
C LEU A 194 -5.72 -19.28 0.28
N GLN A 195 -5.57 -18.87 1.54
CA GLN A 195 -4.36 -19.23 2.27
C GLN A 195 -4.33 -20.75 2.39
N LYS A 196 -5.49 -21.34 2.66
CA LYS A 196 -5.59 -22.79 2.79
C LYS A 196 -5.43 -23.45 1.41
N VAL A 197 -5.97 -22.81 0.38
CA VAL A 197 -5.86 -23.33 -0.98
C VAL A 197 -4.41 -23.42 -1.42
N PHE A 198 -3.63 -22.37 -1.17
CA PHE A 198 -2.23 -22.37 -1.57
C PHE A 198 -1.42 -23.41 -0.80
N ASP A 199 -1.86 -23.76 0.40
CA ASP A 199 -1.16 -24.76 1.18
C ASP A 199 -1.48 -26.14 0.60
N ARG A 200 -2.76 -26.37 0.34
CA ARG A 200 -3.23 -27.63 -0.22
C ARG A 200 -2.64 -27.83 -1.62
N TYR A 201 -2.41 -26.72 -2.31
CA TYR A 201 -1.86 -26.73 -3.67
C TYR A 201 -0.53 -27.48 -3.72
N LYS A 202 0.22 -27.43 -2.62
CA LYS A 202 1.51 -28.11 -2.56
C LYS A 202 1.39 -29.62 -2.66
N SER A 203 0.18 -30.14 -2.45
CA SER A 203 -0.04 -31.57 -2.53
C SER A 203 -0.19 -32.04 -3.98
N TYR A 204 -0.41 -31.09 -4.88
CA TYR A 204 -0.57 -31.40 -6.29
C TYR A 204 0.60 -30.94 -7.16
N SER A 205 1.27 -29.87 -6.76
CA SER A 205 2.39 -29.32 -7.52
C SER A 205 3.72 -29.35 -6.78
N PRO A 206 4.81 -29.66 -7.49
CA PRO A 206 6.13 -29.70 -6.87
C PRO A 206 6.67 -28.29 -6.63
N TYR A 207 6.02 -27.30 -7.25
CA TYR A 207 6.41 -25.90 -7.08
C TYR A 207 5.31 -25.22 -6.29
N ASP A 208 5.67 -24.35 -5.34
CA ASP A 208 4.62 -23.67 -4.59
C ASP A 208 3.93 -22.65 -5.49
N MET A 209 2.90 -21.99 -4.99
CA MET A 209 2.15 -21.04 -5.82
C MET A 209 3.04 -19.96 -6.44
N LEU A 210 3.93 -19.37 -5.65
CA LEU A 210 4.81 -18.33 -6.18
C LEU A 210 5.73 -18.82 -7.29
N GLU A 211 6.40 -19.95 -7.07
CA GLU A 211 7.28 -20.46 -8.11
C GLU A 211 6.50 -20.87 -9.36
N SER A 212 5.28 -21.38 -9.16
CA SER A 212 4.44 -21.79 -10.28
C SER A 212 4.15 -20.57 -11.16
N ILE A 213 3.95 -19.43 -10.52
CA ILE A 213 3.68 -18.19 -11.24
C ILE A 213 4.91 -17.79 -12.05
N ARG A 214 6.09 -17.90 -11.45
CA ARG A 214 7.32 -17.55 -12.14
C ARG A 214 7.59 -18.44 -13.35
N LYS A 215 7.05 -19.64 -13.33
CA LYS A 215 7.26 -20.57 -14.44
C LYS A 215 6.16 -20.53 -15.49
N GLU A 216 4.97 -20.05 -15.11
CA GLU A 216 3.84 -20.00 -16.03
C GLU A 216 3.65 -18.69 -16.79
N VAL A 217 3.86 -17.56 -16.12
CA VAL A 217 3.67 -16.26 -16.76
C VAL A 217 4.85 -15.33 -16.62
N LYS A 218 4.80 -14.22 -17.36
CA LYS A 218 5.89 -13.23 -17.33
C LYS A 218 5.37 -11.81 -17.34
N GLY A 219 6.30 -10.85 -17.33
CA GLY A 219 5.94 -9.44 -17.37
C GLY A 219 5.10 -8.93 -16.22
N ASP A 220 4.34 -7.88 -16.49
CA ASP A 220 3.50 -7.28 -15.46
C ASP A 220 2.47 -8.26 -14.91
N LEU A 221 1.97 -9.15 -15.77
CA LEU A 221 0.99 -10.14 -15.34
C LEU A 221 1.63 -10.99 -14.24
N GLU A 222 2.86 -11.44 -14.48
CA GLU A 222 3.59 -12.24 -13.50
C GLU A 222 3.77 -11.48 -12.19
N ASN A 223 4.23 -10.24 -12.28
CA ASN A 223 4.45 -9.43 -11.09
C ASN A 223 3.16 -9.21 -10.32
N ALA A 224 2.06 -8.99 -11.04
CA ALA A 224 0.78 -8.79 -10.37
C ALA A 224 0.40 -10.04 -9.58
N PHE A 225 0.52 -11.21 -10.21
CA PHE A 225 0.20 -12.44 -9.51
C PHE A 225 1.11 -12.68 -8.31
N LEU A 226 2.41 -12.41 -8.46
CA LEU A 226 3.36 -12.59 -7.35
C LEU A 226 3.01 -11.68 -6.19
N ASN A 227 2.72 -10.42 -6.49
CA ASN A 227 2.36 -9.47 -5.45
C ASN A 227 1.06 -9.89 -4.77
N LEU A 228 0.06 -10.29 -5.56
CA LEU A 228 -1.21 -10.72 -5.02
C LEU A 228 -1.08 -11.92 -4.09
N VAL A 229 -0.35 -12.94 -4.53
CA VAL A 229 -0.18 -14.13 -3.70
C VAL A 229 0.53 -13.80 -2.39
N GLN A 230 1.53 -12.92 -2.44
CA GLN A 230 2.22 -12.54 -1.21
C GLN A 230 1.26 -11.83 -0.25
N CYS A 231 0.44 -10.92 -0.76
CA CYS A 231 -0.51 -10.22 0.09
C CYS A 231 -1.53 -11.15 0.74
N ILE A 232 -1.89 -12.20 0.02
CA ILE A 232 -2.84 -13.17 0.55
C ILE A 232 -2.16 -14.01 1.62
N GLN A 233 -0.96 -14.49 1.33
CA GLN A 233 -0.22 -15.34 2.25
C GLN A 233 0.24 -14.67 3.53
N ASN A 234 0.85 -13.50 3.42
CA ASN A 234 1.36 -12.79 4.58
C ASN A 234 1.54 -11.32 4.18
N LYS A 235 0.52 -10.51 4.43
CA LYS A 235 0.60 -9.11 4.05
C LYS A 235 1.68 -8.32 4.77
N PRO A 236 1.85 -8.52 6.09
CA PRO A 236 2.91 -7.75 6.75
C PRO A 236 4.28 -8.06 6.15
N LEU A 237 4.53 -9.33 5.84
CA LEU A 237 5.78 -9.74 5.24
C LEU A 237 5.92 -9.12 3.86
N TYR A 238 4.82 -9.05 3.12
CA TYR A 238 4.82 -8.45 1.79
C TYR A 238 5.34 -7.01 1.90
N PHE A 239 4.79 -6.25 2.83
CA PHE A 239 5.23 -4.87 2.99
C PHE A 239 6.66 -4.79 3.52
N ALA A 240 7.05 -5.74 4.37
CA ALA A 240 8.42 -5.73 4.87
C ALA A 240 9.40 -5.92 3.72
N ASP A 241 9.07 -6.82 2.78
CA ASP A 241 9.94 -7.06 1.64
C ASP A 241 9.98 -5.86 0.70
N ARG A 242 8.83 -5.21 0.51
CA ARG A 242 8.80 -4.04 -0.37
C ARG A 242 9.65 -2.93 0.26
N LEU A 243 9.59 -2.82 1.59
CA LEU A 243 10.37 -1.79 2.29
C LEU A 243 11.86 -2.08 2.12
N TYR A 244 12.23 -3.35 2.29
CA TYR A 244 13.63 -3.72 2.14
C TYR A 244 14.11 -3.38 0.73
N ASP A 245 13.32 -3.77 -0.27
CA ASP A 245 13.69 -3.49 -1.66
C ASP A 245 13.82 -1.99 -1.91
N SER A 246 13.00 -1.19 -1.25
CA SER A 246 13.04 0.26 -1.45
C SER A 246 14.30 0.91 -0.86
N MET A 247 15.00 0.19 0.01
CA MET A 247 16.20 0.75 0.64
C MET A 247 17.51 0.04 0.31
N LYS A 248 17.43 -1.24 -0.05
CA LYS A 248 18.64 -1.99 -0.35
C LYS A 248 19.56 -1.35 -1.37
N GLY A 249 20.86 -1.45 -1.11
CA GLY A 249 21.86 -0.89 -2.02
C GLY A 249 21.89 0.62 -2.10
N LYS A 250 22.59 1.12 -3.11
CA LYS A 250 22.71 2.56 -3.33
C LYS A 250 21.36 3.23 -3.47
N GLY A 251 21.26 4.43 -2.89
CA GLY A 251 20.02 5.18 -3.02
C GLY A 251 18.80 4.64 -2.29
N THR A 252 17.67 5.27 -2.59
CA THR A 252 16.41 4.93 -1.95
C THR A 252 15.27 5.15 -2.93
N ARG A 253 14.31 4.21 -2.97
CA ARG A 253 13.14 4.38 -3.81
C ARG A 253 12.11 5.01 -2.88
N ASP A 254 12.24 6.32 -2.69
CA ASP A 254 11.39 7.08 -1.79
C ASP A 254 9.89 6.94 -2.03
N LYS A 255 9.49 6.83 -3.28
CA LYS A 255 8.07 6.70 -3.59
C LYS A 255 7.45 5.53 -2.86
N VAL A 256 8.17 4.41 -2.82
CA VAL A 256 7.68 3.20 -2.17
C VAL A 256 7.82 3.29 -0.65
N LEU A 257 9.00 3.71 -0.19
CA LEU A 257 9.25 3.83 1.24
C LEU A 257 8.23 4.76 1.90
N ILE A 258 8.05 5.94 1.33
CA ILE A 258 7.11 6.90 1.89
C ILE A 258 5.69 6.38 1.86
N ARG A 259 5.24 5.85 0.72
CA ARG A 259 3.87 5.37 0.65
C ARG A 259 3.56 4.28 1.65
N ILE A 260 4.47 3.33 1.82
CA ILE A 260 4.23 2.26 2.78
C ILE A 260 4.22 2.78 4.21
N MET A 261 5.17 3.64 4.56
CA MET A 261 5.21 4.16 5.92
C MET A 261 3.97 5.00 6.23
N VAL A 262 3.53 5.79 5.27
CA VAL A 262 2.34 6.60 5.46
C VAL A 262 1.07 5.75 5.52
N SER A 263 0.89 4.88 4.53
CA SER A 263 -0.32 4.06 4.44
C SER A 263 -0.48 2.92 5.45
N ARG A 264 0.63 2.42 6.00
CA ARG A 264 0.52 1.30 6.95
C ARG A 264 0.84 1.67 8.39
N SER A 265 1.26 2.90 8.63
CA SER A 265 1.60 3.38 9.97
C SER A 265 0.52 3.07 11.00
N GLU A 266 -0.75 3.23 10.61
CA GLU A 266 -1.87 2.97 11.51
C GLU A 266 -2.64 1.71 11.17
N VAL A 267 -2.04 0.83 10.39
CA VAL A 267 -2.72 -0.40 10.02
C VAL A 267 -2.08 -1.64 10.63
N ASP A 268 -0.87 -1.96 10.20
CA ASP A 268 -0.18 -3.15 10.70
C ASP A 268 1.33 -2.97 10.82
N MET A 269 1.76 -1.78 11.18
CA MET A 269 3.19 -1.48 11.28
C MET A 269 3.95 -2.39 12.25
N LEU A 270 3.33 -2.74 13.38
CA LEU A 270 3.98 -3.61 14.36
C LEU A 270 4.32 -4.95 13.71
N LYS A 271 3.38 -5.51 12.95
CA LYS A 271 3.59 -6.80 12.28
C LYS A 271 4.62 -6.67 11.17
N ILE A 272 4.57 -5.56 10.42
CA ILE A 272 5.55 -5.34 9.37
C ILE A 272 6.94 -5.32 9.99
N ARG A 273 7.07 -4.62 11.12
CA ARG A 273 8.35 -4.53 11.81
C ARG A 273 8.85 -5.89 12.28
N SER A 274 7.96 -6.69 12.84
CA SER A 274 8.31 -8.02 13.32
C SER A 274 8.84 -8.90 12.18
N GLU A 275 8.13 -8.90 11.06
CA GLU A 275 8.53 -9.70 9.90
C GLU A 275 9.85 -9.19 9.32
N PHE A 276 10.03 -7.88 9.32
CA PHE A 276 11.25 -7.29 8.77
C PHE A 276 12.46 -7.75 9.58
N LYS A 277 12.37 -7.60 10.91
CA LYS A 277 13.46 -8.00 11.80
C LYS A 277 13.76 -9.49 11.64
N ARG A 278 12.70 -10.30 11.66
CA ARG A 278 12.84 -11.75 11.52
C ARG A 278 13.61 -12.17 10.27
N LYS A 279 13.33 -11.50 9.16
CA LYS A 279 13.95 -11.84 7.88
C LYS A 279 15.28 -11.16 7.53
N TYR A 280 15.44 -9.89 7.89
CA TYR A 280 16.65 -9.16 7.52
C TYR A 280 17.68 -8.92 8.63
N GLY A 281 17.41 -9.43 9.81
CA GLY A 281 18.34 -9.26 10.92
C GLY A 281 18.24 -7.93 11.63
N LYS A 282 18.29 -6.85 10.88
CA LYS A 282 18.21 -5.50 11.45
C LYS A 282 16.75 -5.05 11.51
N SER A 283 16.47 -4.06 12.36
CA SER A 283 15.13 -3.55 12.51
C SER A 283 14.79 -2.61 11.36
N LEU A 284 13.50 -2.38 11.15
CA LEU A 284 13.07 -1.47 10.11
C LEU A 284 13.60 -0.07 10.48
N TYR A 285 13.55 0.24 11.78
CA TYR A 285 14.03 1.52 12.29
C TYR A 285 15.48 1.71 11.87
N TYR A 286 16.29 0.67 12.04
CA TYR A 286 17.70 0.70 11.68
C TYR A 286 17.90 0.99 10.19
N TYR A 287 17.14 0.31 9.33
CA TYR A 287 17.26 0.53 7.90
C TYR A 287 16.88 1.95 7.49
N ILE A 288 15.77 2.44 8.05
CA ILE A 288 15.32 3.79 7.76
C ILE A 288 16.36 4.80 8.23
N GLN A 289 16.86 4.61 9.44
CA GLN A 289 17.87 5.51 10.01
C GLN A 289 19.11 5.56 9.12
N GLN A 290 19.49 4.42 8.57
CA GLN A 290 20.67 4.36 7.72
C GLN A 290 20.45 4.81 6.27
N ASP A 291 19.21 4.75 5.78
CA ASP A 291 18.94 5.15 4.41
C ASP A 291 18.47 6.58 4.19
N THR A 292 18.13 7.29 5.26
CA THR A 292 17.65 8.67 5.12
C THR A 292 18.30 9.58 6.15
N LYS A 293 18.16 10.88 5.96
CA LYS A 293 18.74 11.87 6.85
C LYS A 293 17.78 12.99 7.26
N GLY A 294 18.22 13.75 8.25
CA GLY A 294 17.46 14.91 8.71
C GLY A 294 16.03 14.75 9.19
N ASP A 295 15.24 15.77 8.91
CA ASP A 295 13.84 15.80 9.33
C ASP A 295 13.01 14.77 8.58
N TYR A 296 13.45 14.41 7.37
CA TYR A 296 12.78 13.39 6.57
C TYR A 296 12.93 12.07 7.34
N GLN A 297 14.16 11.78 7.77
CA GLN A 297 14.45 10.59 8.54
C GLN A 297 13.60 10.60 9.82
N LYS A 298 13.56 11.75 10.49
CA LYS A 298 12.80 11.91 11.73
C LYS A 298 11.33 11.52 11.53
N ALA A 299 10.73 12.04 10.46
CA ALA A 299 9.34 11.76 10.16
C ALA A 299 9.10 10.28 9.95
N LEU A 300 9.94 9.64 9.14
CA LEU A 300 9.78 8.22 8.87
C LEU A 300 9.97 7.36 10.12
N LEU A 301 10.93 7.75 10.97
CA LEU A 301 11.17 6.98 12.19
C LEU A 301 9.98 7.11 13.15
N TYR A 302 9.29 8.25 13.13
CA TYR A 302 8.11 8.40 13.98
C TYR A 302 7.00 7.49 13.44
N LEU A 303 6.86 7.43 12.11
CA LEU A 303 5.84 6.58 11.50
C LEU A 303 6.15 5.10 11.76
N CYS A 304 7.44 4.78 11.86
CA CYS A 304 7.86 3.40 12.14
C CYS A 304 7.33 2.99 13.52
N GLY A 305 7.31 3.96 14.45
CA GLY A 305 6.77 3.69 15.77
C GLY A 305 7.69 3.07 16.80
N GLY A 306 8.98 3.00 16.50
CA GLY A 306 9.90 2.41 17.46
C GLY A 306 10.88 1.42 16.86
N ASP A 307 11.90 1.10 17.64
CA ASP A 307 12.94 0.19 17.22
C ASP A 307 12.62 -1.23 17.72
N ASP A 308 13.31 -2.22 17.17
CA ASP A 308 13.08 -3.62 17.56
C ASP A 308 14.42 -4.31 17.83
#